data_8DO1
#
_entry.id   8DO1
#
_cell.length_a   1.00
_cell.length_b   1.00
_cell.length_c   1.00
_cell.angle_alpha   90.00
_cell.angle_beta   90.00
_cell.angle_gamma   90.00
#
_symmetry.space_group_name_H-M   'P 1'
#
loop_
_entity.id
_entity.type
_entity.pdbx_description
1 polymer 'Protein transport protein Sec61 subunit alpha isoform 1'
2 polymer 'Protein transport protein Sec61 subunit gamma'
3 polymer 'Protein transport protein Sec61 subunit beta'
4 non-polymer '[(1~{S},3~{R},4~{S},5~{R},6~{R},8~{R},10~{S},23~{R},24~{R},25~{R},26~{R})-5-acetyloxy-6-methyl-4,26-bis(oxidanyl)-17,20-bis(oxidanylidene)-10-pentyl-24-[(~{E})-3-phenylprop-2-enoyl]oxy-2,7,9,21,27-pentaoxatricyclo[21.3.1.0^{3,8}]heptacosan-25-yl] (~{E})-2-methylbut-2-enoate'
5 water water
#
loop_
_entity_poly.entity_id
_entity_poly.type
_entity_poly.pdbx_seq_one_letter_code
_entity_poly.pdbx_strand_id
1 'polypeptide(L)'
;MAIKFLEVIKPFCVILPEIQKPERKIQFKEKVLWTAITLFIFLVCCQIPLFGIMSSDSADPFYWMRVILASNRGTLMELG
ISPIVTSGLIMQLLAGAKIIEVGDTPKDRALFNGAQKLFGMIITIGQSIVYVMTGMYGDPSEMGAGICLLITIQLFVAGL
IVLLLDELLQKGYGLGSGISLFIATNICETIVWKAFSPTTVNTGRGMEFEGAIIALFHLLATRTDKVRALREAFYRQNLP
NLMNLIATIFVFAVVIYFQGFRYELPIRSTKVRGQIGIYPIKLFYTSNIPIILQSALVSNLYVISQMLSARFSGNLLVSL
LGTWSDTSSGGPARAYPVGGLCYYLSPPESFGSVLEDPVHAVVYIVFMLGSCAFFSKTWIEVSGSSPRDIAKQFKDQGMV
INGKRETSIYRELKKIIPTAAAFGGLCIGALSVLADFLGAIGSGTGILLAVTIIYQYFEIFVKEQSEVGSMGALLF
;
A
2 'polypeptide(L)' MDQVMQFVEPSRQFVKDSIRLVKRCTKPDRKEFQKIAMATAIGFAIMGFIGFFVKLIHIPINNIIVGG B
3 'polypeptide(L)'
;MPGPTPSGTNVGSSGRSPSKAVAARAAGSTVRQRKNASCGTRSAGRTTSAGTGGMWRFYTEDSPGLKVGPVPVLVMSLLF
IASVFMLHIWGKYTRS
;
C
#
loop_
_chem_comp.id
_chem_comp.type
_chem_comp.name
_chem_comp.formula
SXF non-polymer '[(1~{S},3~{R},4~{S},5~{R},6~{R},8~{R},10~{S},23~{R},24~{R},25~{R},26~{R})-5-acetyloxy-6-methyl-4,26-bis(oxidanyl)-17,20-bis(oxidanylidene)-10-pentyl-24-[(~{E})-3-phenylprop-2-enoyl]oxy-2,7,9,21,27-pentaoxatricyclo[21.3.1.0^{3,8}]heptacosan-25-yl] (~{E})-2-methylbut-2-enoate' 'C44 H62 O15'
#
# COMPACT_ATOMS: atom_id res chain seq x y z
N ILE A 3 -25.98 19.56 2.36
CA ILE A 3 -24.76 19.41 1.57
C ILE A 3 -24.56 20.59 0.64
N LYS A 4 -23.60 21.45 1.00
CA LYS A 4 -23.28 22.64 0.22
C LYS A 4 -21.97 22.54 -0.53
N PHE A 5 -20.93 21.96 0.08
CA PHE A 5 -19.62 21.91 -0.56
C PHE A 5 -19.66 21.04 -1.82
N LEU A 6 -20.39 19.92 -1.77
CA LEU A 6 -20.51 19.07 -2.96
C LEU A 6 -21.32 19.77 -4.05
N GLU A 7 -22.33 20.55 -3.65
CA GLU A 7 -23.20 21.19 -4.64
C GLU A 7 -22.45 22.23 -5.46
N VAL A 8 -21.58 23.01 -4.82
CA VAL A 8 -20.88 24.07 -5.54
C VAL A 8 -19.87 23.50 -6.53
N ILE A 9 -19.33 22.30 -6.25
CA ILE A 9 -18.37 21.67 -7.14
C ILE A 9 -19.01 20.66 -8.07
N LYS A 10 -20.31 20.42 -7.94
CA LYS A 10 -21.01 19.50 -8.84
C LYS A 10 -20.82 19.82 -10.32
N PRO A 11 -20.93 21.09 -10.77
CA PRO A 11 -20.66 21.35 -12.20
C PRO A 11 -19.27 20.91 -12.62
N PHE A 12 -18.27 21.05 -11.75
CA PHE A 12 -16.94 20.54 -12.04
C PHE A 12 -16.87 19.02 -11.89
N CYS A 13 -17.70 18.44 -11.03
CA CYS A 13 -17.69 17.01 -10.80
C CYS A 13 -18.46 16.22 -11.84
N VAL A 14 -19.21 16.89 -12.73
CA VAL A 14 -20.00 16.18 -13.73
C VAL A 14 -19.31 16.25 -15.09
N ILE A 15 -17.99 16.43 -15.09
CA ILE A 15 -17.22 16.48 -16.33
C ILE A 15 -16.32 15.27 -16.51
N LEU A 16 -16.05 14.49 -15.47
CA LEU A 16 -15.13 13.37 -15.54
C LEU A 16 -15.91 12.06 -15.74
N PRO A 17 -15.45 11.16 -16.61
CA PRO A 17 -16.22 9.96 -16.92
C PRO A 17 -16.33 9.02 -15.72
N GLU A 18 -17.28 8.09 -15.82
CA GLU A 18 -17.53 7.11 -14.79
C GLU A 18 -17.88 5.78 -15.44
N ILE A 19 -17.72 4.70 -14.68
CA ILE A 19 -17.88 3.34 -15.20
C ILE A 19 -19.34 2.95 -15.15
N GLN A 20 -19.78 2.21 -16.17
CA GLN A 20 -21.13 1.66 -16.21
C GLN A 20 -21.34 0.65 -15.09
N LYS A 21 -22.45 0.78 -14.37
CA LYS A 21 -22.81 -0.20 -13.36
C LYS A 21 -23.23 -1.50 -14.05
N PRO A 22 -22.67 -2.64 -13.67
CA PRO A 22 -23.13 -3.91 -14.23
C PRO A 22 -24.60 -4.16 -13.88
N GLU A 23 -25.33 -4.70 -14.84
CA GLU A 23 -26.76 -4.98 -14.68
C GLU A 23 -27.06 -6.43 -14.32
N ARG A 24 -26.29 -7.38 -14.85
CA ARG A 24 -26.28 -8.74 -14.32
C ARG A 24 -25.10 -8.91 -13.37
N LYS A 25 -25.32 -9.68 -12.31
CA LYS A 25 -24.23 -10.00 -11.39
C LYS A 25 -23.09 -10.67 -12.14
N ILE A 26 -21.88 -10.22 -11.90
CA ILE A 26 -20.72 -10.67 -12.65
C ILE A 26 -20.27 -12.01 -12.10
N GLN A 27 -20.13 -13.00 -12.98
CA GLN A 27 -19.69 -14.33 -12.59
C GLN A 27 -18.24 -14.28 -12.09
N PHE A 28 -17.93 -15.18 -11.15
CA PHE A 28 -16.59 -15.20 -10.56
C PHE A 28 -15.50 -15.31 -11.61
N LYS A 29 -15.72 -16.13 -12.64
CA LYS A 29 -14.72 -16.25 -13.70
C LYS A 29 -14.55 -14.93 -14.44
N GLU A 30 -15.64 -14.24 -14.74
CA GLU A 30 -15.55 -12.95 -15.41
C GLU A 30 -14.87 -11.91 -14.51
N LYS A 31 -15.15 -11.94 -13.21
CA LYS A 31 -14.46 -11.03 -12.28
C LYS A 31 -12.97 -11.30 -12.27
N VAL A 32 -12.57 -12.58 -12.25
CA VAL A 32 -11.15 -12.92 -12.28
C VAL A 32 -10.52 -12.44 -13.58
N LEU A 33 -11.23 -12.61 -14.70
CA LEU A 33 -10.71 -12.15 -15.98
C LEU A 33 -10.50 -10.64 -16.00
N TRP A 34 -11.48 -9.89 -15.48
CA TRP A 34 -11.36 -8.43 -15.45
C TRP A 34 -10.23 -8.00 -14.52
N THR A 35 -10.09 -8.66 -13.36
CA THR A 35 -9.01 -8.34 -12.45
C THR A 35 -7.66 -8.61 -13.09
N ALA A 36 -7.52 -9.73 -13.80
CA ALA A 36 -6.28 -10.05 -14.49
C ALA A 36 -5.97 -9.05 -15.58
N ILE A 37 -7.00 -8.62 -16.33
CA ILE A 37 -6.78 -7.65 -17.40
C ILE A 37 -6.31 -6.32 -16.81
N THR A 38 -6.96 -5.86 -15.74
CA THR A 38 -6.55 -4.60 -15.12
C THR A 38 -5.14 -4.71 -14.53
N LEU A 39 -4.83 -5.84 -13.92
CA LEU A 39 -3.49 -6.03 -13.36
C LEU A 39 -2.44 -6.03 -14.45
N PHE A 40 -2.72 -6.69 -15.59
CA PHE A 40 -1.79 -6.68 -16.70
C PHE A 40 -1.61 -5.28 -17.27
N ILE A 41 -2.69 -4.52 -17.38
CA ILE A 41 -2.59 -3.14 -17.87
C ILE A 41 -1.71 -2.32 -16.95
N PHE A 42 -1.93 -2.43 -15.64
CA PHE A 42 -1.13 -1.66 -14.69
C PHE A 42 0.34 -2.08 -14.72
N LEU A 43 0.60 -3.38 -14.81
CA LEU A 43 1.98 -3.86 -14.82
C LEU A 43 2.70 -3.49 -16.10
N VAL A 44 1.98 -3.45 -17.22
CA VAL A 44 2.60 -2.99 -18.47
C VAL A 44 2.86 -1.48 -18.39
N CYS A 45 1.94 -0.73 -17.81
CA CYS A 45 2.11 0.71 -17.71
C CYS A 45 3.25 1.09 -16.78
N CYS A 46 3.48 0.30 -15.73
CA CYS A 46 4.51 0.65 -14.75
C CYS A 46 5.92 0.35 -15.24
N GLN A 47 6.07 -0.25 -16.41
CA GLN A 47 7.38 -0.48 -17.01
C GLN A 47 7.67 0.41 -18.20
N ILE A 48 6.65 1.04 -18.78
CA ILE A 48 6.85 1.91 -19.94
C ILE A 48 7.33 3.27 -19.45
N PRO A 49 8.50 3.72 -19.87
CA PRO A 49 9.00 5.03 -19.42
C PRO A 49 8.24 6.18 -20.07
N LEU A 50 8.40 7.35 -19.47
CA LEU A 50 7.87 8.57 -20.06
C LEU A 50 8.68 8.95 -21.28
N PHE A 51 8.20 9.94 -22.03
CA PHE A 51 8.84 10.36 -23.27
C PHE A 51 9.73 11.59 -23.10
N GLY A 52 9.31 12.56 -22.31
CA GLY A 52 10.04 13.80 -22.18
C GLY A 52 11.20 13.79 -21.21
N ILE A 53 11.51 12.65 -20.60
CA ILE A 53 12.58 12.58 -19.61
C ILE A 53 13.90 12.87 -20.31
N MET A 54 14.63 13.87 -19.79
CA MET A 54 15.93 14.24 -20.33
C MET A 54 17.08 13.60 -19.58
N SER A 55 16.92 13.36 -18.27
CA SER A 55 17.97 12.76 -17.46
C SER A 55 17.36 12.17 -16.20
N SER A 56 17.57 10.88 -15.98
CA SER A 56 17.11 10.19 -14.78
C SER A 56 18.28 9.83 -13.87
N ASP A 57 19.31 10.68 -13.85
CA ASP A 57 20.51 10.43 -13.07
C ASP A 57 20.52 11.14 -11.72
N SER A 58 19.64 12.11 -11.52
CA SER A 58 19.62 12.86 -10.27
C SER A 58 19.14 11.98 -9.11
N ALA A 59 19.41 12.46 -7.90
CA ALA A 59 18.95 11.76 -6.71
C ALA A 59 17.42 11.72 -6.68
N ASP A 60 16.84 10.64 -6.19
CA ASP A 60 15.36 10.54 -6.09
C ASP A 60 14.90 10.79 -4.66
N PRO A 61 14.00 11.78 -4.47
CA PRO A 61 13.59 12.13 -3.11
C PRO A 61 12.44 11.30 -2.57
N PHE A 62 11.80 10.49 -3.41
CA PHE A 62 10.63 9.74 -2.97
C PHE A 62 10.88 8.24 -2.94
N TYR A 63 12.14 7.84 -2.93
CA TYR A 63 12.48 6.42 -2.98
C TYR A 63 11.86 5.62 -1.87
N TRP A 64 11.82 6.18 -0.67
CA TRP A 64 11.33 5.45 0.50
C TRP A 64 10.14 4.52 0.31
N MET A 65 8.97 5.11 0.04
CA MET A 65 7.74 4.31 -0.07
C MET A 65 7.28 4.10 -1.50
N ARG A 66 8.22 4.04 -2.42
CA ARG A 66 7.88 3.76 -3.81
C ARG A 66 7.25 2.38 -3.95
N VAL A 67 7.77 1.40 -3.23
CA VAL A 67 7.29 0.02 -3.37
C VAL A 67 5.84 -0.09 -2.92
N ILE A 68 5.45 0.66 -1.89
CA ILE A 68 4.07 0.60 -1.40
C ILE A 68 3.16 1.61 -2.07
N LEU A 69 3.72 2.58 -2.79
CA LEU A 69 2.91 3.49 -3.59
C LEU A 69 2.61 2.97 -4.98
N ALA A 70 2.97 1.73 -5.28
CA ALA A 70 2.80 1.15 -6.62
C ALA A 70 3.51 1.97 -7.68
N SER A 71 4.56 2.68 -7.28
CA SER A 71 5.25 3.62 -8.15
C SER A 71 6.49 2.98 -8.79
N ASN A 72 6.98 3.65 -9.82
CA ASN A 72 8.21 3.26 -10.50
C ASN A 72 8.76 4.49 -11.17
N ARG A 73 9.92 4.97 -10.71
CA ARG A 73 10.45 6.25 -11.18
C ARG A 73 10.72 6.21 -12.67
N GLY A 74 10.32 7.28 -13.36
CA GLY A 74 10.59 7.43 -14.77
C GLY A 74 9.62 6.72 -15.70
N THR A 75 8.62 6.04 -15.16
CA THR A 75 7.66 5.30 -15.96
C THR A 75 6.31 6.02 -15.93
N LEU A 76 5.32 5.44 -16.62
CA LEU A 76 3.98 6.00 -16.61
C LEU A 76 3.36 5.94 -15.21
N MET A 77 3.64 4.87 -14.49
CA MET A 77 3.12 4.71 -13.12
C MET A 77 4.10 5.25 -12.09
N GLU A 78 4.53 6.50 -12.28
CA GLU A 78 5.47 7.10 -11.32
C GLU A 78 4.72 7.67 -10.12
N LEU A 79 3.57 8.30 -10.34
CA LEU A 79 2.74 8.74 -9.23
C LEU A 79 2.08 7.56 -8.53
N GLY A 80 1.85 6.46 -9.25
CA GLY A 80 1.30 5.27 -8.63
C GLY A 80 -0.10 5.50 -8.09
N ILE A 81 -0.28 5.18 -6.81
CA ILE A 81 -1.57 5.29 -6.14
C ILE A 81 -1.67 6.54 -5.28
N SER A 82 -0.63 7.38 -5.25
CA SER A 82 -0.61 8.53 -4.34
C SER A 82 -1.81 9.46 -4.51
N PRO A 83 -2.21 9.88 -5.72
CA PRO A 83 -3.37 10.79 -5.80
C PRO A 83 -4.67 10.14 -5.38
N ILE A 84 -4.90 8.88 -5.76
CA ILE A 84 -6.14 8.22 -5.40
C ILE A 84 -6.23 8.02 -3.89
N VAL A 85 -5.13 7.58 -3.27
CA VAL A 85 -5.14 7.37 -1.83
C VAL A 85 -5.27 8.70 -1.08
N THR A 86 -4.61 9.75 -1.57
CA THR A 86 -4.74 11.06 -0.94
C THR A 86 -6.17 11.57 -1.03
N SER A 87 -6.81 11.42 -2.20
CA SER A 87 -8.19 11.86 -2.35
C SER A 87 -9.13 11.06 -1.46
N GLY A 88 -8.93 9.74 -1.38
CA GLY A 88 -9.73 8.93 -0.49
C GLY A 88 -9.56 9.35 0.96
N LEU A 89 -8.31 9.64 1.37
CA LEU A 89 -8.04 10.06 2.73
C LEU A 89 -8.74 11.38 3.04
N ILE A 90 -8.65 12.35 2.14
CA ILE A 90 -9.26 13.65 2.41
C ILE A 90 -10.78 13.54 2.41
N MET A 91 -11.34 12.70 1.54
CA MET A 91 -12.79 12.52 1.55
C MET A 91 -13.27 11.84 2.82
N GLN A 92 -12.53 10.82 3.29
CA GLN A 92 -12.88 10.18 4.55
C GLN A 92 -12.75 11.15 5.72
N LEU A 93 -11.73 12.01 5.70
CA LEU A 93 -11.58 13.01 6.75
C LEU A 93 -12.74 14.00 6.73
N LEU A 94 -13.16 14.43 5.54
CA LEU A 94 -14.28 15.37 5.43
C LEU A 94 -15.56 14.72 5.92
N ALA A 95 -15.80 13.46 5.55
CA ALA A 95 -17.03 12.80 5.95
C ALA A 95 -17.05 12.54 7.46
N GLY A 96 -15.97 11.98 8.00
CA GLY A 96 -15.96 11.63 9.42
C GLY A 96 -15.99 12.83 10.33
N ALA A 97 -15.27 13.89 9.99
CA ALA A 97 -15.21 15.10 10.80
C ALA A 97 -16.36 16.05 10.51
N LYS A 98 -17.36 15.60 9.75
CA LYS A 98 -18.61 16.34 9.53
C LYS A 98 -18.35 17.68 8.85
N ILE A 99 -17.75 17.61 7.66
CA ILE A 99 -17.71 18.74 6.74
C ILE A 99 -18.65 18.55 5.55
N ILE A 100 -18.76 17.33 5.04
CA ILE A 100 -19.69 16.98 3.97
C ILE A 100 -20.54 15.81 4.43
N GLU A 101 -21.44 15.37 3.56
CA GLU A 101 -22.31 14.23 3.84
C GLU A 101 -22.20 13.23 2.70
N VAL A 102 -21.86 11.99 3.04
CA VAL A 102 -21.82 10.94 2.03
C VAL A 102 -23.23 10.62 1.54
N GLY A 103 -24.22 10.67 2.44
CA GLY A 103 -25.61 10.49 2.06
C GLY A 103 -26.00 9.06 1.74
N ASP A 104 -27.25 8.71 2.03
CA ASP A 104 -27.81 7.42 1.69
C ASP A 104 -28.54 7.43 0.36
N THR A 105 -28.58 8.57 -0.33
CA THR A 105 -29.17 8.86 -1.62
C THR A 105 -28.17 8.60 -2.74
N PRO A 106 -28.61 7.95 -3.83
CA PRO A 106 -27.70 7.77 -4.97
C PRO A 106 -27.16 9.07 -5.52
N LYS A 107 -27.93 10.15 -5.47
CA LYS A 107 -27.42 11.47 -5.87
C LYS A 107 -26.27 11.89 -4.96
N ASP A 108 -26.43 11.71 -3.66
CA ASP A 108 -25.37 12.04 -2.72
C ASP A 108 -24.16 11.15 -2.92
N ARG A 109 -24.38 9.86 -3.17
CA ARG A 109 -23.27 8.95 -3.46
C ARG A 109 -22.57 9.34 -4.75
N ALA A 110 -23.35 9.72 -5.77
CA ALA A 110 -22.74 10.15 -7.03
C ALA A 110 -21.89 11.40 -6.84
N LEU A 111 -22.40 12.37 -6.09
CA LEU A 111 -21.63 13.57 -5.80
C LEU A 111 -20.38 13.27 -4.99
N PHE A 112 -20.47 12.37 -4.00
CA PHE A 112 -19.32 11.99 -3.21
C PHE A 112 -18.24 11.33 -4.07
N ASN A 113 -18.64 10.36 -4.91
CA ASN A 113 -17.70 9.66 -5.77
C ASN A 113 -17.21 10.50 -6.93
N GLY A 114 -17.89 11.60 -7.25
CA GLY A 114 -17.39 12.52 -8.25
C GLY A 114 -16.39 13.49 -7.65
N ALA A 115 -16.69 13.97 -6.44
CA ALA A 115 -15.74 14.84 -5.74
C ALA A 115 -14.46 14.09 -5.40
N GLN A 116 -14.57 12.82 -5.03
CA GLN A 116 -13.39 12.03 -4.73
C GLN A 116 -12.48 11.94 -5.96
N LYS A 117 -13.05 11.66 -7.12
CA LYS A 117 -12.24 11.54 -8.34
C LYS A 117 -11.72 12.90 -8.80
N LEU A 118 -12.50 13.97 -8.61
CA LEU A 118 -12.00 15.29 -8.94
C LEU A 118 -10.80 15.66 -8.08
N PHE A 119 -10.89 15.40 -6.77
CA PHE A 119 -9.76 15.66 -5.88
C PHE A 119 -8.56 14.78 -6.26
N GLY A 120 -8.82 13.53 -6.61
CA GLY A 120 -7.74 12.67 -7.08
C GLY A 120 -7.05 13.19 -8.31
N MET A 121 -7.79 13.73 -9.27
CA MET A 121 -7.20 14.30 -10.47
C MET A 121 -6.43 15.58 -10.16
N ILE A 122 -6.95 16.42 -9.26
CA ILE A 122 -6.23 17.60 -8.84
C ILE A 122 -4.90 17.25 -8.17
N ILE A 123 -4.93 16.23 -7.30
CA ILE A 123 -3.70 15.76 -6.68
C ILE A 123 -2.75 15.17 -7.72
N THR A 124 -3.29 14.48 -8.73
CA THR A 124 -2.46 13.98 -9.81
C THR A 124 -1.72 15.12 -10.51
N ILE A 125 -2.44 16.19 -10.83
CA ILE A 125 -1.83 17.33 -11.50
C ILE A 125 -0.78 17.98 -10.60
N GLY A 126 -1.11 18.17 -9.32
CA GLY A 126 -0.15 18.78 -8.41
C GLY A 126 1.10 17.96 -8.22
N GLN A 127 0.96 16.65 -8.07
CA GLN A 127 2.12 15.78 -7.90
C GLN A 127 2.94 15.71 -9.17
N SER A 128 2.30 15.72 -10.34
CA SER A 128 3.05 15.76 -11.59
C SER A 128 3.87 17.04 -11.70
N ILE A 129 3.26 18.18 -11.34
CA ILE A 129 3.98 19.44 -11.37
C ILE A 129 5.16 19.41 -10.40
N VAL A 130 4.94 18.87 -9.20
CA VAL A 130 6.02 18.80 -8.21
C VAL A 130 7.15 17.92 -8.73
N TYR A 131 6.83 16.75 -9.27
CA TYR A 131 7.86 15.87 -9.81
C TYR A 131 8.64 16.57 -10.90
N VAL A 132 7.95 17.28 -11.80
CA VAL A 132 8.64 17.98 -12.87
C VAL A 132 9.57 19.05 -12.31
N MET A 133 9.08 19.84 -11.33
CA MET A 133 9.77 21.05 -10.92
C MET A 133 10.80 20.84 -9.81
N THR A 134 10.85 19.68 -9.17
CA THR A 134 11.83 19.43 -8.11
C THR A 134 13.05 18.67 -8.61
N GLY A 135 13.46 18.89 -9.86
CA GLY A 135 14.73 18.40 -10.35
C GLY A 135 14.69 17.06 -11.05
N MET A 136 13.57 16.34 -10.98
CA MET A 136 13.48 15.09 -11.73
C MET A 136 13.40 15.37 -13.22
N TYR A 137 13.73 14.36 -14.02
CA TYR A 137 13.72 14.38 -15.48
C TYR A 137 14.80 15.28 -16.05
N GLY A 138 15.60 15.95 -15.22
CA GLY A 138 16.50 16.98 -15.66
C GLY A 138 15.98 18.36 -15.27
N ASP A 139 16.74 19.37 -15.65
CA ASP A 139 16.35 20.74 -15.36
C ASP A 139 15.11 21.10 -16.18
N PRO A 140 14.01 21.52 -15.56
CA PRO A 140 12.81 21.87 -16.34
C PRO A 140 13.05 22.99 -17.34
N SER A 141 13.91 23.96 -17.01
CA SER A 141 14.22 25.02 -17.96
C SER A 141 14.91 24.47 -19.21
N GLU A 142 15.83 23.53 -19.03
CA GLU A 142 16.48 22.90 -20.17
C GLU A 142 15.50 22.11 -21.02
N MET A 143 14.60 21.36 -20.37
CA MET A 143 13.64 20.56 -21.12
C MET A 143 12.67 21.46 -21.89
N GLY A 144 12.21 22.53 -21.28
CA GLY A 144 11.29 23.44 -21.93
C GLY A 144 9.86 23.26 -21.46
N ALA A 145 9.08 24.33 -21.65
CA ALA A 145 7.68 24.31 -21.23
C ALA A 145 6.89 23.27 -22.00
N GLY A 146 7.17 23.10 -23.29
CA GLY A 146 6.47 22.09 -24.07
C GLY A 146 6.72 20.68 -23.55
N ILE A 147 7.97 20.36 -23.24
CA ILE A 147 8.30 19.03 -22.73
C ILE A 147 7.71 18.83 -21.35
N CYS A 148 7.75 19.87 -20.50
CA CYS A 148 7.14 19.75 -19.18
C CYS A 148 5.64 19.51 -19.30
N LEU A 149 4.97 20.23 -20.20
CA LEU A 149 3.54 20.04 -20.40
C LEU A 149 3.24 18.64 -20.95
N LEU A 150 4.09 18.15 -21.85
CA LEU A 150 3.88 16.80 -22.39
C LEU A 150 4.02 15.74 -21.31
N ILE A 151 5.04 15.88 -20.45
CA ILE A 151 5.19 14.94 -19.34
C ILE A 151 4.01 15.02 -18.38
N THR A 152 3.56 16.24 -18.09
CA THR A 152 2.40 16.41 -17.22
C THR A 152 1.16 15.78 -17.82
N ILE A 153 0.98 15.90 -19.14
CA ILE A 153 -0.16 15.28 -19.81
C ILE A 153 -0.07 13.76 -19.74
N GLN A 154 1.14 13.22 -19.93
CA GLN A 154 1.31 11.76 -19.82
C GLN A 154 0.95 11.27 -18.43
N LEU A 155 1.44 11.96 -17.40
CA LEU A 155 1.11 11.56 -16.03
C LEU A 155 -0.38 11.76 -15.74
N PHE A 156 -0.98 12.81 -16.32
CA PHE A 156 -2.40 13.07 -16.14
C PHE A 156 -3.24 11.93 -16.72
N VAL A 157 -2.89 11.49 -17.93
CA VAL A 157 -3.63 10.40 -18.57
C VAL A 157 -3.38 9.08 -17.84
N ALA A 158 -2.16 8.88 -17.34
CA ALA A 158 -1.88 7.67 -16.56
C ALA A 158 -2.71 7.63 -15.28
N GLY A 159 -2.82 8.78 -14.60
CA GLY A 159 -3.66 8.84 -13.41
C GLY A 159 -5.12 8.64 -13.72
N LEU A 160 -5.58 9.19 -14.86
CA LEU A 160 -6.95 8.94 -15.29
C LEU A 160 -7.18 7.46 -15.55
N ILE A 161 -6.20 6.78 -16.17
CA ILE A 161 -6.32 5.35 -16.42
C ILE A 161 -6.38 4.58 -15.12
N VAL A 162 -5.55 4.95 -14.15
CA VAL A 162 -5.57 4.28 -12.84
C VAL A 162 -6.92 4.46 -12.17
N LEU A 163 -7.46 5.69 -12.22
CA LEU A 163 -8.78 5.94 -11.66
C LEU A 163 -9.84 5.08 -12.34
N LEU A 164 -9.78 4.99 -13.67
CA LEU A 164 -10.79 4.21 -14.40
C LEU A 164 -10.69 2.73 -14.09
N LEU A 165 -9.48 2.18 -14.00
CA LEU A 165 -9.33 0.77 -13.65
C LEU A 165 -9.77 0.50 -12.21
N ASP A 166 -9.42 1.38 -11.28
CA ASP A 166 -9.87 1.21 -9.90
C ASP A 166 -11.38 1.26 -9.81
N GLU A 167 -12.00 2.21 -10.52
CA GLU A 167 -13.46 2.29 -10.52
C GLU A 167 -14.07 1.05 -11.17
N LEU A 168 -13.45 0.55 -12.24
CA LEU A 168 -13.94 -0.67 -12.89
C LEU A 168 -13.94 -1.84 -11.92
N LEU A 169 -12.85 -1.98 -11.14
CA LEU A 169 -12.79 -3.06 -10.17
C LEU A 169 -13.79 -2.85 -9.03
N GLN A 170 -14.03 -1.61 -8.63
CA GLN A 170 -14.95 -1.35 -7.52
C GLN A 170 -16.40 -1.58 -7.93
N LYS A 171 -16.80 -1.13 -9.12
CA LYS A 171 -18.22 -1.11 -9.48
C LYS A 171 -18.82 -2.50 -9.56
N GLY A 172 -18.00 -3.55 -9.67
CA GLY A 172 -18.51 -4.90 -9.68
C GLY A 172 -17.88 -5.80 -10.73
N TYR A 173 -17.09 -5.21 -11.63
CA TYR A 173 -16.41 -6.01 -12.65
C TYR A 173 -15.26 -6.82 -12.10
N GLY A 174 -14.66 -6.41 -10.97
CA GLY A 174 -13.49 -7.05 -10.44
C GLY A 174 -13.72 -7.64 -9.06
N LEU A 175 -12.72 -8.37 -8.59
CA LEU A 175 -12.81 -9.06 -7.30
C LEU A 175 -12.85 -8.07 -6.15
N GLY A 176 -11.91 -7.12 -6.13
CA GLY A 176 -11.83 -6.19 -5.03
C GLY A 176 -11.59 -4.75 -5.46
N SER A 177 -10.58 -4.13 -4.87
CA SER A 177 -10.23 -2.74 -5.15
C SER A 177 -8.95 -2.66 -5.96
N GLY A 178 -8.88 -1.68 -6.86
CA GLY A 178 -7.69 -1.51 -7.68
C GLY A 178 -6.47 -1.12 -6.88
N ILE A 179 -6.64 -0.22 -5.91
CA ILE A 179 -5.50 0.29 -5.16
C ILE A 179 -4.81 -0.82 -4.39
N SER A 180 -5.58 -1.62 -3.66
CA SER A 180 -5.00 -2.72 -2.88
C SER A 180 -4.32 -3.72 -3.79
N LEU A 181 -4.96 -4.05 -4.92
CA LEU A 181 -4.35 -4.99 -5.85
C LEU A 181 -3.02 -4.47 -6.38
N PHE A 182 -2.96 -3.18 -6.72
CA PHE A 182 -1.71 -2.61 -7.23
C PHE A 182 -0.63 -2.60 -6.17
N ILE A 183 -0.96 -2.22 -4.93
CA ILE A 183 0.04 -2.22 -3.87
C ILE A 183 0.58 -3.61 -3.64
N ALA A 184 -0.32 -4.59 -3.49
CA ALA A 184 0.13 -5.95 -3.22
C ALA A 184 0.91 -6.52 -4.38
N THR A 185 0.49 -6.23 -5.61
CA THR A 185 1.21 -6.73 -6.78
C THR A 185 2.61 -6.15 -6.86
N ASN A 186 2.76 -4.84 -6.60
CA ASN A 186 4.09 -4.25 -6.63
C ASN A 186 4.99 -4.82 -5.55
N ILE A 187 4.45 -5.01 -4.35
CA ILE A 187 5.26 -5.54 -3.26
C ILE A 187 5.68 -6.97 -3.57
N CYS A 188 4.75 -7.80 -4.04
CA CYS A 188 5.08 -9.18 -4.38
C CYS A 188 6.07 -9.24 -5.54
N GLU A 189 5.92 -8.34 -6.51
CA GLU A 189 6.86 -8.28 -7.62
C GLU A 189 8.25 -7.91 -7.14
N THR A 190 8.35 -6.96 -6.21
CA THR A 190 9.66 -6.60 -5.66
C THR A 190 10.28 -7.76 -4.91
N ILE A 191 9.49 -8.47 -4.10
CA ILE A 191 10.01 -9.61 -3.35
C ILE A 191 10.48 -10.72 -4.30
N VAL A 192 9.70 -10.98 -5.35
CA VAL A 192 10.07 -12.03 -6.30
C VAL A 192 11.29 -11.61 -7.10
N TRP A 193 11.40 -10.32 -7.45
CA TRP A 193 12.56 -9.83 -8.18
C TRP A 193 13.83 -9.95 -7.35
N LYS A 194 13.74 -9.64 -6.06
CA LYS A 194 14.90 -9.78 -5.20
C LYS A 194 15.22 -11.22 -4.83
N ALA A 195 14.61 -12.19 -5.52
CA ALA A 195 14.87 -13.61 -5.28
C ALA A 195 15.21 -14.34 -6.56
N PHE A 196 14.59 -13.96 -7.67
CA PHE A 196 14.72 -14.68 -8.94
C PHE A 196 15.11 -13.77 -10.09
N SER A 197 15.88 -12.72 -9.83
CA SER A 197 16.23 -11.86 -10.94
C SER A 197 17.43 -12.39 -11.69
N PRO A 198 17.49 -12.17 -13.01
CA PRO A 198 18.68 -12.55 -13.79
C PRO A 198 19.71 -11.46 -13.96
N THR A 199 19.47 -10.26 -13.42
CA THR A 199 20.41 -9.16 -13.58
C THR A 199 21.75 -9.48 -12.92
N THR A 200 22.83 -9.28 -13.66
CA THR A 200 24.18 -9.57 -13.20
C THR A 200 24.94 -8.27 -13.00
N VAL A 201 25.57 -8.13 -11.85
CA VAL A 201 26.43 -6.99 -11.54
C VAL A 201 27.79 -7.51 -11.10
N ASN A 202 28.85 -6.93 -11.66
CA ASN A 202 30.22 -7.33 -11.38
C ASN A 202 30.97 -6.16 -10.76
N THR A 203 31.59 -6.40 -9.60
CA THR A 203 32.37 -5.38 -8.91
C THR A 203 33.80 -5.84 -8.65
N GLY A 204 34.29 -6.82 -9.41
CA GLY A 204 35.65 -7.29 -9.25
C GLY A 204 35.74 -8.77 -8.98
N ARG A 205 34.81 -9.30 -8.18
CA ARG A 205 34.83 -10.73 -7.88
C ARG A 205 34.39 -11.56 -9.07
N GLY A 206 33.52 -11.02 -9.92
CA GLY A 206 33.02 -11.74 -11.07
C GLY A 206 31.53 -11.58 -11.27
N MET A 207 30.97 -12.29 -12.23
CA MET A 207 29.53 -12.23 -12.46
C MET A 207 28.77 -12.82 -11.27
N GLU A 208 27.75 -12.09 -10.82
CA GLU A 208 26.97 -12.52 -9.65
C GLU A 208 25.56 -11.97 -9.81
N PHE A 209 24.59 -12.86 -10.01
CA PHE A 209 23.20 -12.45 -10.09
C PHE A 209 22.74 -11.85 -8.77
N GLU A 210 21.92 -10.80 -8.87
CA GLU A 210 21.41 -10.14 -7.66
C GLU A 210 20.12 -10.76 -7.17
N GLY A 211 19.56 -11.73 -7.89
CA GLY A 211 18.48 -12.53 -7.34
C GLY A 211 19.03 -13.56 -6.37
N ALA A 212 18.43 -13.65 -5.19
CA ALA A 212 19.03 -14.40 -4.09
C ALA A 212 19.15 -15.89 -4.42
N ILE A 213 18.06 -16.51 -4.85
CA ILE A 213 18.09 -17.95 -5.10
C ILE A 213 18.90 -18.27 -6.34
N ILE A 214 18.78 -17.46 -7.39
CA ILE A 214 19.62 -17.65 -8.57
C ILE A 214 21.08 -17.45 -8.21
N ALA A 215 21.38 -16.49 -7.33
CA ALA A 215 22.76 -16.32 -6.87
C ALA A 215 23.25 -17.54 -6.12
N LEU A 216 22.38 -18.13 -5.28
CA LEU A 216 22.76 -19.34 -4.57
C LEU A 216 23.09 -20.47 -5.54
N PHE A 217 22.24 -20.67 -6.55
CA PHE A 217 22.50 -21.71 -7.54
C PHE A 217 23.78 -21.45 -8.32
N HIS A 218 24.00 -20.19 -8.72
CA HIS A 218 25.20 -19.85 -9.48
C HIS A 218 26.45 -20.04 -8.64
N LEU A 219 26.39 -19.70 -7.35
CA LEU A 219 27.56 -19.89 -6.48
C LEU A 219 27.82 -21.37 -6.22
N LEU A 220 26.76 -22.16 -6.10
CA LEU A 220 26.94 -23.61 -5.97
C LEU A 220 27.58 -24.19 -7.22
N ALA A 221 27.16 -23.73 -8.40
CA ALA A 221 27.75 -24.23 -9.63
C ALA A 221 29.19 -23.78 -9.79
N THR A 222 29.50 -22.53 -9.41
CA THR A 222 30.82 -21.97 -9.65
C THR A 222 31.87 -22.60 -8.74
N ARG A 223 31.58 -22.70 -7.44
CA ARG A 223 32.54 -23.17 -6.47
C ARG A 223 32.30 -24.61 -6.03
N THR A 224 31.41 -25.32 -6.71
CA THR A 224 31.17 -26.76 -6.49
C THR A 224 30.77 -27.04 -5.04
N ASP A 225 29.61 -26.48 -4.66
CA ASP A 225 28.98 -26.76 -3.37
C ASP A 225 29.84 -26.34 -2.19
N LYS A 226 30.68 -25.33 -2.36
CA LYS A 226 31.60 -24.92 -1.30
C LYS A 226 30.86 -24.15 -0.21
N VAL A 227 31.26 -24.41 1.05
CA VAL A 227 30.63 -23.75 2.18
C VAL A 227 30.87 -22.25 2.14
N ARG A 228 32.00 -21.82 1.59
CA ARG A 228 32.22 -20.38 1.38
C ARG A 228 31.18 -19.81 0.41
N ALA A 229 30.87 -20.56 -0.65
CA ALA A 229 29.81 -20.12 -1.57
C ALA A 229 28.46 -20.08 -0.87
N LEU A 230 28.17 -21.07 -0.03
CA LEU A 230 26.92 -21.06 0.73
C LEU A 230 26.82 -19.83 1.63
N ARG A 231 27.89 -19.53 2.37
CA ARG A 231 27.86 -18.40 3.28
C ARG A 231 27.87 -17.08 2.53
N GLU A 232 28.43 -17.05 1.33
CA GLU A 232 28.32 -15.85 0.51
C GLU A 232 26.89 -15.65 0.01
N ALA A 233 26.20 -16.75 -0.31
CA ALA A 233 24.81 -16.66 -0.74
C ALA A 233 23.87 -16.27 0.39
N PHE A 234 24.13 -16.71 1.62
CA PHE A 234 23.27 -16.33 2.74
C PHE A 234 23.62 -14.98 3.35
N TYR A 235 24.91 -14.64 3.45
CA TYR A 235 25.36 -13.45 4.16
C TYR A 235 25.89 -12.39 3.20
N ARG A 236 25.20 -12.18 2.09
CA ARG A 236 25.61 -11.21 1.08
C ARG A 236 25.06 -9.84 1.46
N GLN A 237 25.94 -8.94 1.91
CA GLN A 237 25.50 -7.59 2.29
C GLN A 237 25.20 -6.72 1.09
N ASN A 238 26.04 -6.75 0.05
CA ASN A 238 25.93 -5.79 -1.03
C ASN A 238 24.76 -6.06 -1.95
N LEU A 239 24.22 -7.26 -1.95
CA LEU A 239 23.12 -7.68 -2.81
C LEU A 239 22.10 -8.42 -1.99
N PRO A 240 20.87 -8.57 -2.48
CA PRO A 240 19.88 -9.39 -1.76
C PRO A 240 20.40 -10.80 -1.52
N ASN A 241 20.23 -11.27 -0.30
CA ASN A 241 20.74 -12.57 0.12
C ASN A 241 19.57 -13.47 0.55
N LEU A 242 19.90 -14.63 1.10
CA LEU A 242 18.90 -15.63 1.42
C LEU A 242 18.35 -15.49 2.84
N MET A 243 19.14 -14.95 3.77
CA MET A 243 18.61 -14.71 5.11
C MET A 243 17.55 -13.61 5.09
N ASN A 244 17.66 -12.64 4.18
CA ASN A 244 16.57 -11.69 3.99
C ASN A 244 15.31 -12.39 3.51
N LEU A 245 15.41 -13.36 2.61
CA LEU A 245 14.27 -14.14 2.18
C LEU A 245 13.67 -14.96 3.33
N ILE A 246 14.53 -15.56 4.16
CA ILE A 246 14.05 -16.33 5.30
C ILE A 246 13.31 -15.42 6.28
N ALA A 247 13.86 -14.25 6.55
CA ALA A 247 13.19 -13.29 7.42
C ALA A 247 11.87 -12.83 6.81
N THR A 248 11.84 -12.64 5.49
CA THR A 248 10.60 -12.28 4.80
C THR A 248 9.54 -13.36 4.98
N ILE A 249 9.91 -14.62 4.81
CA ILE A 249 8.97 -15.71 4.97
C ILE A 249 8.50 -15.81 6.41
N PHE A 250 9.41 -15.61 7.37
CA PHE A 250 9.04 -15.63 8.78
C PHE A 250 8.06 -14.52 9.11
N VAL A 251 8.27 -13.32 8.55
CA VAL A 251 7.37 -12.21 8.79
C VAL A 251 6.01 -12.49 8.18
N PHE A 252 5.97 -13.03 6.94
CA PHE A 252 4.70 -13.44 6.38
C PHE A 252 3.98 -14.43 7.28
N ALA A 253 4.69 -15.44 7.79
CA ALA A 253 4.05 -16.43 8.65
C ALA A 253 3.50 -15.80 9.93
N VAL A 254 4.27 -14.90 10.55
CA VAL A 254 3.83 -14.32 11.81
C VAL A 254 2.65 -13.38 11.61
N VAL A 255 2.68 -12.56 10.55
CA VAL A 255 1.55 -11.67 10.29
C VAL A 255 0.33 -12.46 9.85
N ILE A 256 0.52 -13.61 9.20
CA ILE A 256 -0.61 -14.48 8.89
C ILE A 256 -1.22 -15.02 10.18
N TYR A 257 -0.38 -15.45 11.12
CA TYR A 257 -0.89 -15.94 12.38
C TYR A 257 -1.66 -14.85 13.14
N PHE A 258 -1.12 -13.64 13.16
CA PHE A 258 -1.77 -12.55 13.88
C PHE A 258 -2.95 -11.95 13.11
N GLN A 259 -3.07 -12.24 11.82
CA GLN A 259 -4.19 -11.72 11.04
C GLN A 259 -5.49 -12.45 11.39
N GLY A 260 -5.40 -13.73 11.73
CA GLY A 260 -6.58 -14.49 12.11
C GLY A 260 -7.06 -14.26 13.52
N PHE A 261 -6.33 -13.46 14.31
CA PHE A 261 -6.81 -13.10 15.64
C PHE A 261 -8.08 -12.27 15.52
N ARG A 262 -9.12 -12.65 16.27
CA ARG A 262 -10.38 -11.95 16.20
C ARG A 262 -11.23 -12.33 17.40
N TYR A 263 -12.13 -11.43 17.79
CA TYR A 263 -13.06 -11.66 18.88
C TYR A 263 -14.41 -12.02 18.27
N GLU A 264 -14.95 -13.17 18.66
CA GLU A 264 -16.19 -13.70 18.09
C GLU A 264 -17.36 -13.29 18.98
N LEU A 265 -18.11 -12.29 18.55
CA LEU A 265 -19.28 -11.85 19.31
C LEU A 265 -20.49 -12.66 18.92
N PRO A 266 -21.12 -13.38 19.84
CA PRO A 266 -22.36 -14.12 19.54
C PRO A 266 -23.53 -13.15 19.45
N ILE A 267 -24.03 -12.94 18.24
CA ILE A 267 -25.07 -11.95 17.95
C ILE A 267 -26.34 -12.67 17.53
N ARG A 268 -27.47 -12.22 18.06
CA ARG A 268 -28.79 -12.71 17.68
C ARG A 268 -29.62 -11.57 17.12
N SER A 269 -30.38 -11.85 16.07
CA SER A 269 -31.27 -10.87 15.47
C SER A 269 -32.63 -10.92 16.14
N THR A 270 -33.14 -9.75 16.52
CA THR A 270 -34.43 -9.65 17.20
C THR A 270 -35.58 -9.31 16.26
N LYS A 271 -35.31 -8.67 15.13
CA LYS A 271 -36.37 -8.35 14.18
C LYS A 271 -36.72 -9.57 13.33
N VAL A 272 -35.74 -10.07 12.58
CA VAL A 272 -35.91 -11.34 11.84
C VAL A 272 -35.43 -12.45 12.78
N ARG A 273 -36.38 -12.96 13.57
CA ARG A 273 -36.05 -13.96 14.58
C ARG A 273 -35.53 -15.23 13.94
N GLY A 274 -34.46 -15.77 14.52
CA GLY A 274 -33.86 -17.02 14.05
C GLY A 274 -32.51 -16.86 13.39
N GLN A 275 -32.14 -15.65 12.99
CA GLN A 275 -30.86 -15.42 12.31
C GLN A 275 -29.75 -15.24 13.34
N ILE A 276 -29.42 -16.34 14.02
CA ILE A 276 -28.28 -16.35 14.92
C ILE A 276 -27.00 -16.34 14.10
N GLY A 277 -26.05 -15.52 14.52
CA GLY A 277 -24.79 -15.39 13.81
C GLY A 277 -23.70 -14.95 14.76
N ILE A 278 -22.54 -14.66 14.19
CA ILE A 278 -21.37 -14.23 14.96
C ILE A 278 -20.82 -12.96 14.33
N TYR A 279 -20.51 -11.97 15.17
CA TYR A 279 -19.90 -10.72 14.70
C TYR A 279 -18.42 -10.73 15.06
N PRO A 280 -17.52 -10.80 14.08
CA PRO A 280 -16.09 -10.86 14.41
C PRO A 280 -15.46 -9.49 14.57
N ILE A 281 -14.74 -9.28 15.68
CA ILE A 281 -13.95 -8.09 15.91
C ILE A 281 -12.49 -8.49 15.75
N LYS A 282 -11.92 -8.22 14.58
CA LYS A 282 -10.53 -8.58 14.31
C LYS A 282 -9.59 -7.79 15.22
N LEU A 283 -8.51 -8.44 15.64
CA LEU A 283 -7.47 -7.73 16.38
C LEU A 283 -6.87 -6.62 15.54
N PHE A 284 -6.62 -6.91 14.25
CA PHE A 284 -6.24 -5.89 13.28
C PHE A 284 -7.50 -5.16 12.82
N TYR A 285 -8.09 -4.42 13.76
CA TYR A 285 -9.38 -3.76 13.51
C TYR A 285 -9.29 -2.86 12.29
N THR A 286 -8.43 -1.85 12.35
CA THR A 286 -8.06 -1.09 11.16
C THR A 286 -6.98 -1.88 10.44
N SER A 287 -7.36 -2.49 9.30
CA SER A 287 -6.53 -3.51 8.66
C SER A 287 -5.09 -3.03 8.48
N ASN A 288 -4.90 -1.99 7.67
CA ASN A 288 -3.57 -1.44 7.48
C ASN A 288 -3.58 0.09 7.41
N ILE A 289 -4.67 0.74 7.82
CA ILE A 289 -4.72 2.20 7.80
C ILE A 289 -3.64 2.81 8.69
N PRO A 290 -3.40 2.35 9.93
CA PRO A 290 -2.30 2.95 10.70
C PRO A 290 -0.95 2.86 10.01
N ILE A 291 -0.65 1.74 9.36
CA ILE A 291 0.63 1.58 8.68
C ILE A 291 0.73 2.55 7.51
N ILE A 292 -0.35 2.66 6.72
CA ILE A 292 -0.34 3.57 5.58
C ILE A 292 -0.15 5.01 6.05
N LEU A 293 -0.88 5.39 7.10
CA LEU A 293 -0.78 6.75 7.62
C LEU A 293 0.62 7.04 8.15
N GLN A 294 1.18 6.11 8.92
CA GLN A 294 2.52 6.33 9.48
C GLN A 294 3.57 6.39 8.38
N SER A 295 3.50 5.50 7.39
CA SER A 295 4.46 5.52 6.30
C SER A 295 4.36 6.80 5.49
N ALA A 296 3.14 7.24 5.20
CA ALA A 296 2.96 8.49 4.47
C ALA A 296 3.51 9.67 5.25
N LEU A 297 3.24 9.72 6.56
CA LEU A 297 3.74 10.81 7.39
C LEU A 297 5.27 10.82 7.42
N VAL A 298 5.87 9.64 7.60
CA VAL A 298 7.33 9.57 7.68
C VAL A 298 7.97 9.95 6.35
N SER A 299 7.40 9.47 5.23
CA SER A 299 7.95 9.81 3.93
C SER A 299 7.81 11.30 3.64
N ASN A 300 6.66 11.89 3.98
CA ASN A 300 6.48 13.32 3.78
C ASN A 300 7.46 14.12 4.64
N LEU A 301 7.69 13.66 5.88
CA LEU A 301 8.67 14.32 6.73
C LEU A 301 10.07 14.22 6.14
N TYR A 302 10.43 13.06 5.60
CA TYR A 302 11.74 12.90 4.97
C TYR A 302 11.90 13.83 3.78
N VAL A 303 10.89 13.89 2.92
CA VAL A 303 10.96 14.74 1.73
C VAL A 303 11.04 16.21 2.13
N ILE A 304 10.23 16.62 3.11
CA ILE A 304 10.26 18.00 3.57
C ILE A 304 11.62 18.33 4.18
N SER A 305 12.18 17.40 4.94
CA SER A 305 13.50 17.63 5.54
C SER A 305 14.56 17.78 4.46
N GLN A 306 14.53 16.93 3.43
CA GLN A 306 15.51 17.03 2.34
C GLN A 306 15.37 18.35 1.61
N MET A 307 14.12 18.74 1.29
CA MET A 307 13.92 20.00 0.57
C MET A 307 14.30 21.21 1.41
N LEU A 308 14.09 21.14 2.73
CA LEU A 308 14.46 22.25 3.59
C LEU A 308 15.97 22.33 3.78
N SER A 309 16.64 21.18 3.87
CA SER A 309 18.09 21.17 3.95
C SER A 309 18.73 21.56 2.62
N ALA A 310 18.00 21.47 1.52
CA ALA A 310 18.50 21.93 0.23
C ALA A 310 18.28 23.43 0.07
N ARG A 311 17.03 23.89 0.18
CA ARG A 311 16.73 25.30 -0.01
C ARG A 311 17.29 26.15 1.13
N PHE A 312 17.07 25.73 2.37
CA PHE A 312 17.39 26.52 3.56
C PHE A 312 18.58 25.95 4.32
N SER A 313 19.61 25.53 3.58
CA SER A 313 20.81 24.98 4.21
C SER A 313 21.43 26.01 5.15
N GLY A 314 21.82 25.55 6.34
CA GLY A 314 22.45 26.37 7.34
C GLY A 314 21.54 26.83 8.46
N ASN A 315 20.23 26.71 8.29
CA ASN A 315 19.31 27.10 9.33
C ASN A 315 19.33 26.11 10.49
N LEU A 316 19.11 26.60 11.70
CA LEU A 316 19.10 25.72 12.87
C LEU A 316 17.81 24.91 12.93
N LEU A 317 16.69 25.51 12.55
CA LEU A 317 15.40 24.82 12.63
C LEU A 317 15.37 23.59 11.72
N VAL A 318 15.89 23.72 10.50
CA VAL A 318 15.91 22.57 9.60
C VAL A 318 16.88 21.51 10.10
N SER A 319 17.95 21.92 10.79
CA SER A 319 18.86 20.96 11.40
C SER A 319 18.17 20.17 12.51
N LEU A 320 17.37 20.85 13.34
CA LEU A 320 16.60 20.15 14.36
C LEU A 320 15.56 19.22 13.74
N LEU A 321 14.94 19.64 12.64
CA LEU A 321 13.95 18.82 11.96
C LEU A 321 14.56 17.63 11.24
N GLY A 322 15.87 17.65 10.99
CA GLY A 322 16.54 16.52 10.37
C GLY A 322 17.74 16.90 9.54
N THR A 323 18.83 16.16 9.70
CA THR A 323 20.06 16.36 8.94
C THR A 323 20.35 15.12 8.11
N TRP A 324 20.77 15.34 6.87
CA TRP A 324 21.01 14.26 5.93
C TRP A 324 22.47 14.24 5.50
N SER A 325 22.87 13.13 4.88
CA SER A 325 24.23 12.97 4.41
C SER A 325 24.30 11.97 3.25
N ARG A 334 21.68 7.38 -2.40
CA ARG A 334 20.48 7.74 -1.66
C ARG A 334 20.85 8.31 -0.30
N ALA A 335 20.43 9.56 -0.05
CA ALA A 335 20.76 10.22 1.21
C ALA A 335 20.06 9.53 2.38
N TYR A 336 20.78 9.41 3.49
CA TYR A 336 20.24 8.81 4.69
C TYR A 336 20.38 9.76 5.87
N PRO A 337 19.42 9.75 6.80
CA PRO A 337 19.50 10.68 7.94
C PRO A 337 20.63 10.30 8.89
N VAL A 338 21.31 11.32 9.42
CA VAL A 338 22.35 11.12 10.41
C VAL A 338 22.01 11.74 11.75
N GLY A 339 21.21 12.80 11.77
CA GLY A 339 20.79 13.43 13.01
C GLY A 339 19.50 14.18 12.82
N GLY A 340 18.98 14.70 13.92
CA GLY A 340 17.74 15.45 13.89
C GLY A 340 16.52 14.59 14.10
N LEU A 341 15.36 15.21 13.85
CA LEU A 341 14.09 14.52 14.06
C LEU A 341 13.94 13.32 13.13
N CYS A 342 14.32 13.48 11.85
CA CYS A 342 14.15 12.40 10.89
C CYS A 342 15.05 11.21 11.18
N TYR A 343 16.17 11.41 11.87
CA TYR A 343 17.03 10.29 12.24
C TYR A 343 16.33 9.36 13.22
N TYR A 344 15.63 9.92 14.20
CA TYR A 344 14.94 9.11 15.20
C TYR A 344 13.74 8.37 14.62
N LEU A 345 13.20 8.85 13.50
CA LEU A 345 12.08 8.18 12.84
C LEU A 345 12.53 7.09 11.88
N SER A 346 13.84 6.88 11.73
CA SER A 346 14.36 5.90 10.79
C SER A 346 14.83 4.64 11.52
N PRO A 347 14.65 3.48 10.90
CA PRO A 347 15.12 2.24 11.52
C PRO A 347 16.63 2.26 11.67
N PRO A 348 17.15 1.67 12.74
CA PRO A 348 18.61 1.56 12.88
C PRO A 348 19.21 0.75 11.74
N GLU A 349 20.43 1.14 11.35
CA GLU A 349 21.08 0.50 10.21
C GLU A 349 21.34 -0.98 10.47
N SER A 350 21.81 -1.32 11.67
CA SER A 350 22.14 -2.70 11.99
C SER A 350 22.14 -2.86 13.51
N PHE A 351 22.48 -4.07 13.97
CA PHE A 351 22.57 -4.31 15.41
C PHE A 351 23.67 -3.48 16.04
N GLY A 352 24.78 -3.30 15.33
CA GLY A 352 25.84 -2.44 15.83
C GLY A 352 25.37 -1.00 15.99
N SER A 353 24.50 -0.54 15.08
CA SER A 353 23.92 0.78 15.23
C SER A 353 23.04 0.85 16.47
N VAL A 354 22.31 -0.24 16.76
CA VAL A 354 21.48 -0.28 17.97
C VAL A 354 22.36 -0.18 19.21
N LEU A 355 23.46 -0.95 19.24
CA LEU A 355 24.35 -0.92 20.39
C LEU A 355 25.01 0.45 20.55
N GLU A 356 25.42 1.06 19.45
CA GLU A 356 26.08 2.36 19.53
C GLU A 356 25.14 3.43 20.08
N ASP A 357 23.89 3.44 19.61
CA ASP A 357 22.90 4.44 20.03
C ASP A 357 21.63 3.72 20.44
N PRO A 358 21.61 3.12 21.63
CA PRO A 358 20.37 2.48 22.11
C PRO A 358 19.21 3.44 22.27
N VAL A 359 19.50 4.72 22.56
CA VAL A 359 18.43 5.71 22.68
C VAL A 359 17.71 5.87 21.35
N HIS A 360 18.43 5.87 20.24
CA HIS A 360 17.79 6.00 18.93
C HIS A 360 16.87 4.81 18.64
N ALA A 361 17.33 3.59 18.93
CA ALA A 361 16.49 2.42 18.70
C ALA A 361 15.25 2.43 19.59
N VAL A 362 15.41 2.79 20.87
CA VAL A 362 14.28 2.86 21.77
C VAL A 362 13.28 3.90 21.30
N VAL A 363 13.77 5.07 20.89
CA VAL A 363 12.89 6.13 20.40
C VAL A 363 12.17 5.70 19.14
N TYR A 364 12.87 5.03 18.23
CA TYR A 364 12.24 4.56 17.00
C TYR A 364 11.13 3.56 17.30
N ILE A 365 11.40 2.60 18.18
CA ILE A 365 10.38 1.60 18.52
C ILE A 365 9.17 2.27 19.18
N VAL A 366 9.44 3.17 20.13
CA VAL A 366 8.35 3.86 20.82
C VAL A 366 7.53 4.67 19.84
N PHE A 367 8.19 5.40 18.94
CA PHE A 367 7.48 6.19 17.95
C PHE A 367 6.61 5.31 17.05
N MET A 368 7.17 4.19 16.58
CA MET A 368 6.41 3.31 15.71
C MET A 368 5.15 2.81 16.41
N LEU A 369 5.32 2.24 17.62
CA LEU A 369 4.18 1.67 18.33
C LEU A 369 3.15 2.75 18.67
N GLY A 370 3.61 3.89 19.19
CA GLY A 370 2.68 4.94 19.58
C GLY A 370 1.94 5.55 18.41
N SER A 371 2.65 5.81 17.31
CA SER A 371 2.00 6.36 16.12
C SER A 371 0.99 5.39 15.54
N CYS A 372 1.35 4.10 15.48
CA CYS A 372 0.40 3.12 14.96
C CYS A 372 -0.84 3.04 15.84
N ALA A 373 -0.66 2.99 17.16
CA ALA A 373 -1.80 2.92 18.07
C ALA A 373 -2.67 4.16 17.97
N PHE A 374 -2.05 5.34 17.91
CA PHE A 374 -2.80 6.59 17.82
C PHE A 374 -3.58 6.67 16.52
N PHE A 375 -2.94 6.28 15.40
CA PHE A 375 -3.64 6.29 14.12
C PHE A 375 -4.80 5.31 14.12
N SER A 376 -4.63 4.15 14.75
CA SER A 376 -5.73 3.19 14.82
C SER A 376 -6.89 3.72 15.63
N LYS A 377 -6.61 4.23 16.84
CA LYS A 377 -7.70 4.68 17.71
C LYS A 377 -8.30 5.99 17.25
N THR A 378 -7.64 6.71 16.33
CA THR A 378 -8.26 7.86 15.70
C THR A 378 -9.06 7.47 14.48
N TRP A 379 -8.58 6.49 13.71
CA TRP A 379 -9.31 6.07 12.52
C TRP A 379 -10.59 5.33 12.87
N ILE A 380 -10.63 4.66 14.03
CA ILE A 380 -11.89 4.05 14.43
C ILE A 380 -12.95 5.11 14.73
N GLU A 381 -12.53 6.33 15.10
CA GLU A 381 -13.49 7.40 15.33
C GLU A 381 -13.81 8.20 14.07
N VAL A 382 -12.86 8.31 13.15
CA VAL A 382 -13.09 9.07 11.91
C VAL A 382 -13.73 8.24 10.81
N SER A 383 -13.55 6.92 10.81
CA SER A 383 -14.04 6.06 9.74
C SER A 383 -15.40 5.46 10.03
N GLY A 384 -16.01 5.80 11.16
CA GLY A 384 -17.32 5.26 11.49
C GLY A 384 -17.33 3.85 12.01
N SER A 385 -16.21 3.37 12.56
CA SER A 385 -16.13 2.05 13.16
C SER A 385 -15.97 2.12 14.67
N SER A 386 -16.30 3.25 15.28
CA SER A 386 -16.21 3.41 16.72
C SER A 386 -17.27 2.56 17.40
N PRO A 387 -17.09 2.24 18.70
CA PRO A 387 -18.10 1.43 19.40
C PRO A 387 -19.49 2.03 19.34
N ARG A 388 -19.60 3.36 19.40
CA ARG A 388 -20.92 3.99 19.28
C ARG A 388 -21.55 3.73 17.92
N ASP A 389 -20.74 3.82 16.85
CA ASP A 389 -21.26 3.57 15.51
C ASP A 389 -21.66 2.10 15.34
N ILE A 390 -20.86 1.18 15.88
CA ILE A 390 -21.19 -0.23 15.78
C ILE A 390 -22.47 -0.54 16.56
N ALA A 391 -22.62 0.07 17.74
CA ALA A 391 -23.86 -0.10 18.50
C ALA A 391 -25.04 0.49 17.75
N LYS A 392 -24.84 1.62 17.06
CA LYS A 392 -25.91 2.22 16.28
C LYS A 392 -26.35 1.32 15.14
N GLN A 393 -25.40 0.71 14.43
CA GLN A 393 -25.81 -0.19 13.36
C GLN A 393 -26.40 -1.48 13.91
N PHE A 394 -25.96 -1.91 15.10
CA PHE A 394 -26.60 -3.04 15.77
C PHE A 394 -28.07 -2.73 16.04
N LYS A 395 -28.34 -1.55 16.58
CA LYS A 395 -29.72 -1.15 16.86
C LYS A 395 -30.53 -1.02 15.56
N ASP A 396 -29.92 -0.46 14.52
CA ASP A 396 -30.61 -0.30 13.25
C ASP A 396 -30.98 -1.64 12.63
N GLN A 397 -30.09 -2.63 12.71
CA GLN A 397 -30.32 -3.94 12.15
C GLN A 397 -30.91 -4.92 13.15
N GLY A 398 -31.15 -4.49 14.39
CA GLY A 398 -31.80 -5.32 15.38
C GLY A 398 -30.93 -6.36 16.04
N MET A 399 -29.64 -6.40 15.72
CA MET A 399 -28.76 -7.42 16.28
C MET A 399 -28.46 -7.13 17.75
N VAL A 400 -28.45 -8.18 18.56
CA VAL A 400 -28.14 -8.09 19.98
C VAL A 400 -27.18 -9.21 20.35
N ILE A 401 -26.32 -8.95 21.32
CA ILE A 401 -25.44 -10.00 21.83
C ILE A 401 -26.26 -10.97 22.67
N ASN A 402 -25.96 -12.28 22.52
CA ASN A 402 -26.75 -13.30 23.19
C ASN A 402 -26.71 -13.14 24.71
N GLY A 403 -25.52 -13.23 25.30
CA GLY A 403 -25.43 -13.25 26.75
C GLY A 403 -25.86 -11.95 27.41
N LYS A 404 -25.54 -10.82 26.79
CA LYS A 404 -25.78 -9.52 27.39
C LYS A 404 -27.14 -8.97 26.95
N ARG A 405 -27.65 -8.03 27.76
CA ARG A 405 -28.95 -7.43 27.50
C ARG A 405 -28.88 -6.52 26.28
N GLU A 406 -30.06 -6.16 25.78
CA GLU A 406 -30.13 -5.24 24.64
C GLU A 406 -29.60 -3.86 25.00
N THR A 407 -29.83 -3.41 26.24
CA THR A 407 -29.31 -2.11 26.66
C THR A 407 -27.79 -2.14 26.78
N SER A 408 -27.22 -3.26 27.19
CA SER A 408 -25.78 -3.39 27.37
C SER A 408 -25.11 -3.91 26.10
N ILE A 409 -25.35 -3.20 25.01
CA ILE A 409 -24.66 -3.45 23.75
C ILE A 409 -23.53 -2.48 23.49
N TYR A 410 -23.72 -1.19 23.79
CA TYR A 410 -22.64 -0.21 23.64
C TYR A 410 -21.51 -0.43 24.63
N ARG A 411 -21.83 -0.86 25.85
CA ARG A 411 -20.78 -1.11 26.84
C ARG A 411 -19.87 -2.25 26.39
N GLU A 412 -20.45 -3.33 25.87
CA GLU A 412 -19.64 -4.47 25.44
C GLU A 412 -18.74 -4.10 24.27
N LEU A 413 -19.23 -3.24 23.36
CA LEU A 413 -18.40 -2.80 22.25
C LEU A 413 -17.34 -1.79 22.70
N LYS A 414 -17.65 -0.97 23.70
CA LYS A 414 -16.67 -0.04 24.23
C LYS A 414 -15.58 -0.74 25.02
N LYS A 415 -15.87 -1.92 25.57
CA LYS A 415 -14.86 -2.70 26.29
C LYS A 415 -13.98 -3.53 25.37
N ILE A 416 -14.24 -3.55 24.06
CA ILE A 416 -13.49 -4.38 23.14
C ILE A 416 -12.87 -3.56 22.02
N ILE A 417 -13.72 -2.81 21.29
CA ILE A 417 -13.26 -2.15 20.06
C ILE A 417 -12.14 -1.16 20.29
N PRO A 418 -12.19 -0.25 21.28
CA PRO A 418 -11.02 0.62 21.49
C PRO A 418 -9.77 -0.13 21.85
N THR A 419 -9.88 -1.12 22.74
CA THR A 419 -8.72 -1.95 23.08
C THR A 419 -8.25 -2.75 21.89
N ALA A 420 -9.18 -3.29 21.10
CA ALA A 420 -8.79 -4.05 19.91
C ALA A 420 -8.04 -3.17 18.93
N ALA A 421 -8.52 -1.95 18.70
CA ALA A 421 -7.86 -1.04 17.77
C ALA A 421 -6.47 -0.65 18.27
N ALA A 422 -6.38 -0.27 19.55
CA ALA A 422 -5.08 0.15 20.07
C ALA A 422 -4.07 -0.99 20.05
N PHE A 423 -4.47 -2.19 20.49
CA PHE A 423 -3.53 -3.30 20.49
C PHE A 423 -3.22 -3.78 19.10
N GLY A 424 -4.17 -3.65 18.16
CA GLY A 424 -3.84 -3.91 16.76
C GLY A 424 -2.81 -2.93 16.24
N GLY A 425 -2.90 -1.67 16.67
CA GLY A 425 -1.86 -0.72 16.31
C GLY A 425 -0.50 -1.10 16.84
N LEU A 426 -0.43 -1.45 18.13
CA LEU A 426 0.85 -1.89 18.70
C LEU A 426 1.38 -3.12 17.98
N CYS A 427 0.52 -4.12 17.74
CA CYS A 427 0.97 -5.34 17.09
C CYS A 427 1.45 -5.07 15.66
N ILE A 428 0.72 -4.24 14.92
CA ILE A 428 1.06 -4.03 13.51
C ILE A 428 2.24 -3.08 13.37
N GLY A 429 2.55 -2.31 14.41
CA GLY A 429 3.78 -1.53 14.41
C GLY A 429 4.96 -2.36 14.84
N ALA A 430 4.75 -3.26 15.80
CA ALA A 430 5.80 -4.17 16.23
C ALA A 430 6.19 -5.12 15.11
N LEU A 431 5.22 -5.57 14.31
CA LEU A 431 5.54 -6.42 13.17
C LEU A 431 6.41 -5.68 12.16
N SER A 432 6.08 -4.41 11.89
CA SER A 432 6.91 -3.62 10.98
C SER A 432 8.31 -3.42 11.54
N VAL A 433 8.41 -3.13 12.84
CA VAL A 433 9.73 -2.95 13.46
C VAL A 433 10.54 -4.23 13.39
N LEU A 434 9.90 -5.37 13.67
CA LEU A 434 10.60 -6.66 13.61
C LEU A 434 11.06 -6.97 12.19
N ALA A 435 10.21 -6.70 11.20
CA ALA A 435 10.59 -6.96 9.81
C ALA A 435 11.75 -6.06 9.39
N ASP A 436 11.73 -4.80 9.82
CA ASP A 436 12.82 -3.90 9.51
C ASP A 436 14.13 -4.34 10.18
N PHE A 437 14.04 -4.78 11.43
CA PHE A 437 15.22 -5.22 12.17
C PHE A 437 15.81 -6.49 11.55
N LEU A 438 14.96 -7.43 11.17
CA LEU A 438 15.39 -8.69 10.58
C LEU A 438 15.85 -8.54 9.14
N GLY A 439 15.65 -7.37 8.55
CA GLY A 439 16.00 -7.20 7.16
C GLY A 439 15.17 -8.13 6.31
N ALA A 440 13.92 -7.80 6.08
CA ALA A 440 13.05 -8.64 5.28
C ALA A 440 12.76 -7.95 3.96
N ILE A 441 12.95 -8.66 2.86
CA ILE A 441 12.67 -8.09 1.55
C ILE A 441 11.24 -7.61 1.53
N GLY A 442 11.02 -6.38 1.10
CA GLY A 442 9.67 -5.83 1.07
C GLY A 442 9.44 -4.87 2.21
N SER A 443 10.28 -4.90 3.24
CA SER A 443 10.15 -4.02 4.40
C SER A 443 8.94 -4.36 5.25
N GLY A 444 8.86 -3.80 6.43
CA GLY A 444 7.70 -4.03 7.27
C GLY A 444 6.41 -3.58 6.61
N THR A 445 6.39 -2.34 6.12
CA THR A 445 5.20 -1.79 5.49
C THR A 445 4.77 -2.60 4.28
N GLY A 446 5.73 -2.92 3.41
CA GLY A 446 5.39 -3.65 2.20
C GLY A 446 4.84 -5.04 2.47
N ILE A 447 5.52 -5.79 3.34
CA ILE A 447 5.07 -7.14 3.65
C ILE A 447 3.71 -7.10 4.34
N LEU A 448 3.52 -6.16 5.28
CA LEU A 448 2.25 -6.06 5.99
C LEU A 448 1.11 -5.72 5.04
N LEU A 449 1.33 -4.73 4.16
CA LEU A 449 0.30 -4.36 3.19
C LEU A 449 -0.02 -5.54 2.27
N ALA A 450 1.01 -6.22 1.77
CA ALA A 450 0.80 -7.33 0.85
C ALA A 450 0.00 -8.45 1.52
N VAL A 451 0.38 -8.82 2.74
CA VAL A 451 -0.30 -9.93 3.39
C VAL A 451 -1.72 -9.56 3.77
N THR A 452 -1.95 -8.32 4.20
CA THR A 452 -3.33 -7.92 4.51
C THR A 452 -4.20 -7.87 3.26
N ILE A 453 -3.68 -7.38 2.14
CA ILE A 453 -4.45 -7.34 0.90
C ILE A 453 -4.73 -8.74 0.37
N ILE A 454 -3.74 -9.64 0.46
CA ILE A 454 -3.97 -11.03 0.05
C ILE A 454 -5.00 -11.69 0.96
N TYR A 455 -4.99 -11.36 2.26
CA TYR A 455 -6.02 -11.88 3.16
C TYR A 455 -7.40 -11.36 2.77
N GLN A 456 -7.48 -10.08 2.39
CA GLN A 456 -8.76 -9.54 1.92
C GLN A 456 -9.25 -10.28 0.66
N TYR A 457 -8.34 -10.54 -0.27
CA TYR A 457 -8.73 -11.26 -1.48
C TYR A 457 -9.10 -12.71 -1.18
N PHE A 458 -8.44 -13.32 -0.20
CA PHE A 458 -8.82 -14.66 0.23
C PHE A 458 -10.20 -14.67 0.87
N GLU A 459 -10.52 -13.62 1.64
CA GLU A 459 -11.86 -13.48 2.19
C GLU A 459 -12.89 -13.34 1.07
N ILE A 460 -12.57 -12.56 0.04
CA ILE A 460 -13.46 -12.43 -1.11
C ILE A 460 -13.66 -13.78 -1.78
N PHE A 461 -12.58 -14.55 -1.94
CA PHE A 461 -12.68 -15.88 -2.53
C PHE A 461 -13.60 -16.78 -1.72
N VAL A 462 -13.36 -16.86 -0.41
CA VAL A 462 -14.15 -17.79 0.42
C VAL A 462 -15.57 -17.30 0.61
N LYS A 463 -15.83 -16.02 0.35
CA LYS A 463 -17.21 -15.54 0.37
C LYS A 463 -17.94 -15.91 -0.91
N GLU A 464 -17.33 -15.59 -2.06
CA GLU A 464 -18.03 -15.78 -3.33
C GLU A 464 -18.12 -17.26 -3.71
N GLN A 465 -17.08 -18.04 -3.44
CA GLN A 465 -17.14 -19.47 -3.72
C GLN A 465 -18.20 -20.15 -2.84
N SER A 466 -18.26 -19.77 -1.56
CA SER A 466 -19.28 -20.32 -0.68
C SER A 466 -20.67 -19.92 -1.14
N GLU A 467 -20.85 -18.68 -1.57
CA GLU A 467 -22.14 -18.26 -2.10
C GLU A 467 -22.48 -18.97 -3.41
N VAL A 468 -21.46 -19.39 -4.17
CA VAL A 468 -21.68 -20.11 -5.41
C VAL A 468 -21.76 -21.60 -5.15
N GLN B 6 1.32 10.84 36.55
CA GLN B 6 0.71 9.60 36.97
C GLN B 6 0.15 8.82 35.77
N PHE B 7 0.99 8.65 34.75
CA PHE B 7 0.60 7.92 33.55
C PHE B 7 0.85 6.42 33.65
N VAL B 8 1.39 5.95 34.78
CA VAL B 8 1.65 4.52 34.93
C VAL B 8 0.34 3.76 35.00
N GLU B 9 -0.65 4.29 35.72
CA GLU B 9 -1.93 3.60 35.86
C GLU B 9 -2.67 3.44 34.54
N PRO B 10 -2.83 4.47 33.69
CA PRO B 10 -3.48 4.22 32.39
C PRO B 10 -2.75 3.20 31.53
N SER B 11 -1.42 3.21 31.55
CA SER B 11 -0.66 2.24 30.77
C SER B 11 -0.85 0.83 31.31
N ARG B 12 -0.87 0.67 32.63
CA ARG B 12 -1.13 -0.64 33.22
C ARG B 12 -2.53 -1.13 32.87
N GLN B 13 -3.51 -0.23 32.91
CA GLN B 13 -4.88 -0.60 32.54
C GLN B 13 -4.95 -1.04 31.08
N PHE B 14 -4.28 -0.31 30.19
CA PHE B 14 -4.27 -0.69 28.78
C PHE B 14 -3.60 -2.04 28.57
N VAL B 15 -2.49 -2.29 29.27
CA VAL B 15 -1.82 -3.57 29.17
C VAL B 15 -2.72 -4.71 29.65
N LYS B 16 -3.38 -4.51 30.79
CA LYS B 16 -4.27 -5.54 31.30
C LYS B 16 -5.40 -5.83 30.32
N ASP B 17 -5.98 -4.78 29.74
CA ASP B 17 -6.98 -4.98 28.70
C ASP B 17 -6.41 -5.73 27.51
N SER B 18 -5.16 -5.45 27.16
CA SER B 18 -4.53 -6.11 26.01
C SER B 18 -4.44 -7.62 26.24
N ILE B 19 -3.88 -8.03 27.38
CA ILE B 19 -3.80 -9.46 27.66
C ILE B 19 -5.19 -10.09 27.81
N ARG B 20 -6.14 -9.38 28.41
CA ARG B 20 -7.48 -9.94 28.52
C ARG B 20 -8.09 -10.21 27.15
N LEU B 21 -8.01 -9.22 26.25
CA LEU B 21 -8.55 -9.37 24.91
C LEU B 21 -7.85 -10.51 24.17
N VAL B 22 -6.51 -10.56 24.26
CA VAL B 22 -5.77 -11.63 23.57
C VAL B 22 -6.18 -12.98 24.12
N LYS B 23 -6.42 -13.06 25.43
CA LYS B 23 -6.88 -14.31 26.04
C LYS B 23 -8.23 -14.73 25.47
N ARG B 24 -9.13 -13.77 25.27
CA ARG B 24 -10.41 -14.11 24.66
C ARG B 24 -10.45 -13.90 23.14
N CYS B 25 -9.32 -13.63 22.50
CA CYS B 25 -9.27 -13.67 21.04
C CYS B 25 -9.26 -15.12 20.55
N THR B 26 -9.77 -15.30 19.33
CA THR B 26 -9.84 -16.61 18.69
C THR B 26 -8.61 -16.79 17.81
N LYS B 27 -7.60 -17.47 18.34
CA LYS B 27 -6.38 -17.71 17.59
C LYS B 27 -6.63 -18.70 16.45
N PRO B 28 -5.92 -18.55 15.33
CA PRO B 28 -6.06 -19.53 14.25
C PRO B 28 -5.59 -20.91 14.69
N ASP B 29 -6.28 -21.94 14.20
CA ASP B 29 -5.89 -23.32 14.45
C ASP B 29 -4.87 -23.76 13.41
N ARG B 30 -4.34 -24.97 13.57
CA ARG B 30 -3.36 -25.48 12.62
C ARG B 30 -3.94 -25.61 11.23
N LYS B 31 -5.17 -26.14 11.13
CA LYS B 31 -5.83 -26.23 9.82
C LYS B 31 -6.12 -24.85 9.25
N GLU B 32 -6.64 -23.93 10.09
CA GLU B 32 -6.92 -22.58 9.62
C GLU B 32 -5.65 -21.85 9.23
N PHE B 33 -4.59 -21.99 10.04
CA PHE B 33 -3.32 -21.34 9.71
C PHE B 33 -2.76 -21.89 8.41
N GLN B 34 -2.83 -23.21 8.22
CA GLN B 34 -2.37 -23.80 6.96
C GLN B 34 -3.18 -23.31 5.78
N LYS B 35 -4.49 -23.21 5.92
CA LYS B 35 -5.32 -22.72 4.82
C LYS B 35 -4.96 -21.28 4.46
N ILE B 36 -4.84 -20.41 5.47
CA ILE B 36 -4.50 -19.01 5.19
C ILE B 36 -3.10 -18.91 4.59
N ALA B 37 -2.15 -19.69 5.11
CA ALA B 37 -0.80 -19.65 4.59
C ALA B 37 -0.73 -20.11 3.15
N MET B 38 -1.44 -21.19 2.80
CA MET B 38 -1.45 -21.65 1.42
C MET B 38 -2.12 -20.64 0.50
N ALA B 39 -3.22 -20.03 0.96
CA ALA B 39 -3.88 -19.03 0.13
C ALA B 39 -2.97 -17.82 -0.10
N THR B 40 -2.29 -17.36 0.94
CA THR B 40 -1.37 -16.24 0.80
C THR B 40 -0.20 -16.60 -0.10
N ALA B 41 0.31 -17.83 0.01
CA ALA B 41 1.39 -18.27 -0.87
C ALA B 41 0.94 -18.29 -2.32
N ILE B 42 -0.28 -18.78 -2.57
CA ILE B 42 -0.80 -18.82 -3.95
C ILE B 42 -0.95 -17.41 -4.49
N GLY B 43 -1.53 -16.50 -3.70
CA GLY B 43 -1.69 -15.13 -4.17
C GLY B 43 -0.36 -14.43 -4.41
N PHE B 44 0.58 -14.61 -3.48
CA PHE B 44 1.91 -14.02 -3.64
C PHE B 44 2.59 -14.56 -4.90
N ALA B 45 2.53 -15.87 -5.10
CA ALA B 45 3.13 -16.46 -6.30
C ALA B 45 2.51 -15.87 -7.55
N ILE B 46 1.17 -15.87 -7.62
CA ILE B 46 0.49 -15.36 -8.81
C ILE B 46 0.94 -13.93 -9.11
N MET B 47 0.69 -13.01 -8.17
CA MET B 47 0.93 -11.60 -8.45
C MET B 47 2.42 -11.31 -8.66
N GLY B 48 3.27 -11.82 -7.76
CA GLY B 48 4.69 -11.54 -7.86
C GLY B 48 5.30 -12.09 -9.13
N PHE B 49 4.96 -13.32 -9.50
CA PHE B 49 5.53 -13.89 -10.71
C PHE B 49 4.96 -13.27 -11.97
N ILE B 50 3.68 -12.86 -11.97
CA ILE B 50 3.14 -12.15 -13.13
C ILE B 50 3.88 -10.84 -13.32
N GLY B 51 4.07 -10.08 -12.24
CA GLY B 51 4.83 -8.84 -12.34
C GLY B 51 6.28 -9.07 -12.74
N PHE B 52 6.88 -10.14 -12.22
CA PHE B 52 8.27 -10.47 -12.55
C PHE B 52 8.42 -10.78 -14.03
N PHE B 53 7.50 -11.58 -14.58
CA PHE B 53 7.57 -11.89 -16.00
C PHE B 53 7.28 -10.67 -16.85
N VAL B 54 6.36 -9.80 -16.41
CA VAL B 54 6.10 -8.57 -17.15
C VAL B 54 7.36 -7.69 -17.21
N LYS B 55 8.04 -7.55 -16.06
CA LYS B 55 9.26 -6.77 -16.03
C LYS B 55 10.35 -7.40 -16.89
N LEU B 56 10.47 -8.73 -16.83
CA LEU B 56 11.48 -9.42 -17.63
C LEU B 56 11.23 -9.24 -19.11
N ILE B 57 9.96 -9.33 -19.53
CA ILE B 57 9.62 -9.10 -20.94
C ILE B 57 9.91 -7.65 -21.32
N HIS B 58 9.58 -6.69 -20.45
CA HIS B 58 9.70 -5.29 -20.82
C HIS B 58 11.11 -4.74 -20.70
N ILE B 59 12.05 -5.47 -20.10
CA ILE B 59 13.44 -5.01 -20.08
C ILE B 59 14.03 -4.87 -21.48
N PRO B 60 13.95 -5.88 -22.37
CA PRO B 60 14.49 -5.68 -23.72
C PRO B 60 13.82 -4.55 -24.50
N ILE B 61 12.50 -4.41 -24.38
CA ILE B 61 11.83 -3.32 -25.09
C ILE B 61 12.23 -1.97 -24.51
N ASN B 62 12.40 -1.89 -23.19
CA ASN B 62 12.89 -0.65 -22.59
C ASN B 62 14.27 -0.32 -23.08
N ASN B 63 15.12 -1.33 -23.24
CA ASN B 63 16.45 -1.10 -23.81
C ASN B 63 16.35 -0.60 -25.26
N ILE B 64 15.44 -1.19 -26.04
CA ILE B 64 15.33 -0.85 -27.45
C ILE B 64 14.84 0.58 -27.63
N ILE B 65 13.76 0.95 -26.93
CA ILE B 65 13.14 2.26 -27.17
C ILE B 65 13.94 3.37 -26.51
N VAL B 66 14.60 3.11 -25.39
CA VAL B 66 15.38 4.13 -24.70
C VAL B 66 16.84 3.70 -24.62
N GLY C 65 -20.61 11.81 -15.03
CA GLY C 65 -20.71 12.53 -16.29
C GLY C 65 -20.73 11.62 -17.50
N LEU C 66 -19.55 11.41 -18.10
CA LEU C 66 -19.41 10.54 -19.26
C LEU C 66 -19.47 9.10 -18.78
N LYS C 67 -20.69 8.59 -18.61
CA LYS C 67 -20.90 7.25 -18.06
C LYS C 67 -20.57 6.24 -19.14
N VAL C 68 -19.36 5.66 -19.06
CA VAL C 68 -18.87 4.75 -20.08
C VAL C 68 -18.74 3.34 -19.50
N GLY C 69 -18.37 2.38 -20.34
CA GLY C 69 -18.27 1.00 -19.94
C GLY C 69 -16.85 0.52 -19.77
N PRO C 70 -16.68 -0.77 -19.49
CA PRO C 70 -15.32 -1.30 -19.25
C PRO C 70 -14.49 -1.40 -20.52
N VAL C 71 -15.07 -1.86 -21.62
CA VAL C 71 -14.32 -1.94 -22.88
C VAL C 71 -13.85 -0.57 -23.35
N PRO C 72 -14.65 0.50 -23.29
CA PRO C 72 -14.12 1.84 -23.60
C PRO C 72 -13.04 2.32 -22.63
N VAL C 73 -12.70 1.55 -21.61
CA VAL C 73 -11.58 1.86 -20.73
C VAL C 73 -10.36 1.00 -21.07
N LEU C 74 -10.59 -0.30 -21.31
CA LEU C 74 -9.51 -1.17 -21.74
C LEU C 74 -8.92 -0.71 -23.07
N VAL C 75 -9.79 -0.36 -24.02
CA VAL C 75 -9.33 0.10 -25.33
C VAL C 75 -8.52 1.38 -25.20
N MET C 76 -8.99 2.32 -24.37
CA MET C 76 -8.24 3.57 -24.20
C MET C 76 -6.92 3.35 -23.48
N SER C 77 -6.86 2.41 -22.53
CA SER C 77 -5.59 2.10 -21.88
C SER C 77 -4.58 1.57 -22.89
N LEU C 78 -5.01 0.61 -23.73
CA LEU C 78 -4.12 0.10 -24.77
C LEU C 78 -3.77 1.19 -25.78
N LEU C 79 -4.70 2.08 -26.09
CA LEU C 79 -4.41 3.17 -27.03
C LEU C 79 -3.36 4.12 -26.46
N PHE C 80 -3.45 4.42 -25.16
CA PHE C 80 -2.44 5.28 -24.54
C PHE C 80 -1.08 4.59 -24.50
N ILE C 81 -1.06 3.29 -24.22
CA ILE C 81 0.20 2.55 -24.25
C ILE C 81 0.81 2.59 -25.64
N ALA C 82 -0.01 2.35 -26.67
CA ALA C 82 0.47 2.42 -28.04
C ALA C 82 0.92 3.82 -28.41
N SER C 83 0.23 4.85 -27.90
CA SER C 83 0.61 6.22 -28.21
C SER C 83 1.97 6.58 -27.62
N VAL C 84 2.23 6.19 -26.38
CA VAL C 84 3.53 6.50 -25.79
C VAL C 84 4.62 5.67 -26.47
N PHE C 85 4.32 4.42 -26.85
CA PHE C 85 5.30 3.62 -27.59
C PHE C 85 5.62 4.26 -28.94
N MET C 86 4.60 4.73 -29.66
CA MET C 86 4.83 5.39 -30.94
C MET C 86 5.59 6.70 -30.74
N LEU C 87 5.33 7.40 -29.64
CA LEU C 87 6.11 8.61 -29.35
C LEU C 87 7.58 8.29 -29.17
N HIS C 88 7.89 7.23 -28.43
CA HIS C 88 9.29 6.84 -28.25
C HIS C 88 9.92 6.41 -29.57
N ILE C 89 9.20 5.65 -30.39
CA ILE C 89 9.75 5.19 -31.66
C ILE C 89 9.96 6.36 -32.62
N TRP C 90 9.02 7.30 -32.66
CA TRP C 90 9.18 8.49 -33.49
C TRP C 90 10.35 9.33 -33.02
N GLY C 91 10.53 9.44 -31.70
CA GLY C 91 11.70 10.14 -31.20
C GLY C 91 13.00 9.47 -31.62
N LYS C 92 13.03 8.14 -31.56
CA LYS C 92 14.21 7.41 -32.03
C LYS C 92 14.47 7.68 -33.50
N TYR C 93 13.41 7.67 -34.32
CA TYR C 93 13.58 7.91 -35.75
C TYR C 93 14.08 9.33 -36.03
N THR C 94 13.53 10.32 -35.33
CA THR C 94 13.90 11.70 -35.61
C THR C 94 15.25 12.09 -35.00
N ARG C 95 15.73 11.35 -33.99
CA ARG C 95 17.04 11.65 -33.44
C ARG C 95 18.15 11.42 -34.46
N SER C 96 18.06 10.33 -35.22
CA SER C 96 19.05 10.02 -36.23
C SER C 96 18.90 10.91 -37.45
C13 SXF D . -4.09 6.82 3.68
C15 SXF D . -6.07 5.89 5.01
C17 SXF D . -8.26 5.68 4.05
C21 SXF D . 0.27 8.98 0.35
C24 SXF D . 0.12 5.13 0.79
C26 SXF D . -0.45 4.08 0.06
C02 SXF D . 0.82 13.80 6.32
C03 SXF D . 0.13 12.47 6.82
C04 SXF D . -0.07 11.44 5.64
C05 SXF D . -1.21 11.89 4.61
C07 SXF D . -1.79 11.51 2.34
C08 SXF D . -1.03 11.00 1.18
C09 SXF D . -0.65 9.51 1.39
C11 SXF D . -2.26 8.08 2.60
C12 SXF D . -3.72 7.66 2.75
C14 SXF D . -5.61 6.41 3.81
C16 SXF D . -7.36 5.53 5.14
C18 SXF D . -7.81 6.18 2.91
C19 SXF D . -6.47 6.55 2.77
C23 SXF D . -0.11 6.58 0.33
C25 SXF D . 0.97 4.78 2.00
C27 SXF D . -0.23 2.65 0.49
C29 SXF D . 1.46 9.85 0.12
C31 SXF D . 1.09 11.32 -0.03
C33 SXF D . 2.68 12.51 -1.32
C34 SXF D . 4.15 12.18 -1.51
C36 SXF D . 4.58 12.61 -2.88
C38 SXF D . 4.36 10.93 -4.62
C39 SXF D . 5.27 9.95 -4.01
C41 SXF D . 4.41 14.10 -3.01
C42 SXF D . 4.80 14.51 -4.32
C44 SXF D . 2.43 14.02 -1.48
C48 SXF D . -0.03 15.04 6.00
C49 SXF D . 0.77 16.11 5.18
C50 SXF D . 0.89 15.71 3.68
C51 SXF D . 0.01 16.57 2.75
C52 SXF D . 0.58 16.64 1.36
C53 SXF D . 0.58 15.26 0.65
C54 SXF D . 0.62 15.40 -0.83
C55 SXF D . -0.77 15.76 -1.34
C56 SXF D . -0.73 17.04 -2.39
C57 SXF D . 0.19 16.71 -3.72
C58 SXF D . 1.10 17.90 -4.12
C59 SXF D . 0.27 19.22 -4.31
O01 SXF D . 2.00 13.85 6.21
O06 SXF D . -0.90 12.08 3.20
O10 SXF D . -1.87 8.70 1.34
O20 SXF D . -1.47 7.93 3.50
O22 SXF D . 0.72 7.66 0.78
O28 SXF D . -0.99 6.80 -0.41
O30 SXF D . 2.11 9.43 -1.07
O32 SXF D . 2.24 12.06 0.06
O35 SXF D . 4.33 10.78 -1.33
O37 SXF D . 3.74 11.93 -3.86
O40 SXF D . 4.13 10.86 -5.81
O43 SXF D . 2.95 14.54 -2.74
O45 SXF D . 1.04 14.20 -1.41
O46 SXF D . 0.16 11.83 1.03
O47 SXF D . -2.37 12.09 5.03
H131 SXF D . -3.39 6.44 4.35
H151 SXF D . -5.38 5.77 5.87
H171 SXF D . -9.25 5.40 4.16
H211 SXF D . -0.30 8.88 -0.65
H261 SXF D . -1.00 4.28 -0.72
H031 SXF D . 0.74 12.02 7.59
H032 SXF D . -0.79 12.70 7.21
H042 SXF D . 0.86 11.34 5.10
H041 SXF D . -0.36 10.36 6.10
H071 SXF D . -2.32 10.70 2.83
H072 SXF D . -2.44 12.20 2.03
H081 SXF D . -1.60 11.08 0.34
H091 SXF D . -0.20 9.41 2.35
H121 SXF D . -4.42 8.05 2.09
H161 SXF D . -7.72 5.12 6.09
H181 SXF D . -8.51 6.29 2.06
H191 SXF D . -6.12 6.94 1.87
H252 SXF D . 0.36 4.12 2.73
H251 SXF D . 1.28 5.67 2.47
H253 SXF D . 1.83 4.21 1.67
H271 SXF D . 0.87 2.44 0.50
H273 SXF D . -0.74 1.95 -0.26
H272 SXF D . -0.63 2.50 1.47
H291 SXF D . 2.10 9.75 0.90
H311 SXF D . 0.65 11.47 -0.95
H331 SXF D . 2.09 11.95 -2.11
H341 SXF D . 4.80 12.77 -0.68
H361 SXF D . 5.58 12.36 -3.02
H393 SXF D . 5.48 9.17 -4.70
H392 SXF D . 4.82 9.54 -3.14
H391 SXF D . 6.28 10.48 -3.73
H411 SXF D . 5.01 14.55 -2.33
H422 SXF D . 3.94 14.36 -5.02
H421 SXF D . 5.62 13.96 -4.63
H423 SXF D . 5.07 15.62 -4.29
H441 SXF D . 2.91 14.56 -0.63
H481 SXF D . -0.38 15.50 6.96
H482 SXF D . -0.89 14.73 5.42
H492 SXF D . 1.79 16.21 5.61
H491 SXF D . 0.26 17.07 5.26
H501 SXF D . 1.96 15.82 3.36
H502 SXF D . 0.57 14.61 3.57
H512 SXF D . -0.94 16.14 2.70
H511 SXF D . -0.08 17.61 3.16
H522 SXF D . -0.01 17.34 0.77
H521 SXF D . 1.67 17.02 1.44
H531 SXF D . 1.47 14.67 0.99
H532 SXF D . -0.32 14.72 0.93
H541 SXF D . 1.37 16.27 -1.12
H552 SXF D . -1.23 14.83 -1.87
H551 SXF D . -1.43 16.04 -0.46
H562 SXF D . -0.32 17.86 -1.90
H561 SXF D . -1.75 17.28 -2.71
H572 SXF D . -0.46 16.47 -4.55
H571 SXF D . 0.85 15.82 -3.51
H582 SXF D . 1.57 17.68 -5.00
H581 SXF D . 1.87 18.07 -3.31
H591 SXF D . -0.70 18.98 -4.54
H592 SXF D . 0.73 19.84 -5.18
H593 SXF D . 0.30 19.76 -3.42
H301 SXF D . 1.44 9.54 -1.90
H351 SXF D . 3.51 10.30 -1.64
#